data_3Q35
#
_entry.id   3Q35
#
_cell.length_a   98.0850
_cell.length_b   119.0010
_cell.length_c   80.2920
_cell.angle_alpha   90.00
_cell.angle_beta   90.00
_cell.angle_gamma   90.00
#
_symmetry.space_group_name_H-M   'P 21 21 2'
#
loop_
_entity.id
_entity.type
_entity.pdbx_description
1 polymer 'Histone acetyltransferase'
2 polymer 'Vacuolar protein sorting-associated protein 75'
3 non-polymer 'ACETYL COENZYME *A'
4 non-polymer 1,2-ETHANEDIOL
5 water water
#
loop_
_entity_poly.entity_id
_entity_poly.type
_entity_poly.pdbx_seq_one_letter_code
_entity_poly.pdbx_strand_id
1 'polypeptide(L)'
;GSMSLNDFLSSVLPVSEQFEYLSLQSIPLETHAVVTPNKDDKRVPKSTIKTQHFFSLFHQGKVFFSLEVYVYVTLWDEAD
AERLIFVSKADTNGYCNTRVSVRDITKIILEFILSIDPNYYLQKVKPAIRSYKKISPELISAASTPARTLRILARRLKQS
GSTVLKEIESPRFQQDLYLSFTCPREILTKICLFTRPASQYLFPDSSKNSKKHILNGEELMKWWGFILDRLLIECFQNDT
QAKLRIPGEDPARVRSYLRGMKYPLWQVGDIFTSKENSLAVYNIPLFPDDP(ALY)ARFIHQLAEEDRLLKVSLSSFWIE
LQERQEFKLSVTSSVMGISGYSLATPSLFPSSADVIVPKSRKQFRAIKKYITGEEYDTEEGAIEAFTNIRDFLLLRMATN
LQSLTGKREHRERNQPVPASNINTLAITMLKPRKKAKALPKT
;
A
2 'polypeptide(L)'
;MMSDQENENEHAKAFLGLAKCEEEVDAIEREVELYRLNKMKPVYEKRDAYIDEIAEFWKIVLSQHVSFANYIRASDFKYI
DTIDKIKVEWLALESEMYDTRDFSITFHFHGIEGDFKEQQVTKVFQIKKGKDDQEDGILTSEPVPIEWPQSYDSINPDLI
KDKRSPEGKKKYRQGMKTIFGWFRWTGLKPGKEFPHGDSLASLFSEEIYPFCVKYYAEAQRDLEDEEGESGL
;
B
#
loop_
_chem_comp.id
_chem_comp.type
_chem_comp.name
_chem_comp.formula
ACO non-polymer 'ACETYL COENZYME *A' 'C23 H38 N7 O17 P3 S'
EDO non-polymer 1,2-ETHANEDIOL 'C2 H6 O2'
#
# COMPACT_ATOMS: atom_id res chain seq x y z
N MET A 3 14.59 18.07 -18.00
CA MET A 3 13.39 17.58 -18.67
C MET A 3 12.48 16.77 -17.74
N SER A 4 11.26 16.53 -18.22
CA SER A 4 10.25 15.80 -17.46
C SER A 4 10.54 14.30 -17.34
N LEU A 5 10.11 13.71 -16.23
CA LEU A 5 10.09 12.25 -16.07
C LEU A 5 9.66 11.59 -17.38
N ASN A 6 8.55 12.10 -17.92
CA ASN A 6 7.96 11.62 -19.17
C ASN A 6 8.96 11.59 -20.34
N ASP A 7 9.83 12.61 -20.41
CA ASP A 7 10.92 12.65 -21.38
C ASP A 7 11.84 11.47 -21.12
N PHE A 8 12.27 11.38 -19.88
CA PHE A 8 13.19 10.36 -19.44
C PHE A 8 12.80 8.96 -19.85
N LEU A 9 11.68 8.49 -19.34
CA LEU A 9 11.26 7.12 -19.60
C LEU A 9 11.17 6.86 -21.08
N SER A 10 10.59 7.81 -21.80
CA SER A 10 10.43 7.66 -23.24
C SER A 10 11.78 7.48 -23.92
N SER A 11 12.81 8.09 -23.33
CA SER A 11 14.16 8.01 -23.86
C SER A 11 14.81 6.64 -23.66
N VAL A 12 14.18 5.77 -22.89
CA VAL A 12 14.78 4.47 -22.63
C VAL A 12 13.87 3.28 -22.91
N LEU A 13 12.77 3.55 -23.62
CA LEU A 13 11.84 2.50 -24.03
C LEU A 13 11.93 2.34 -25.54
N PRO A 14 11.82 1.10 -26.05
CA PRO A 14 11.83 0.94 -27.50
C PRO A 14 10.86 1.88 -28.21
N VAL A 15 11.33 2.50 -29.31
CA VAL A 15 10.56 3.43 -30.18
C VAL A 15 9.23 2.89 -30.70
N SER A 16 8.29 3.82 -31.00
CA SER A 16 6.98 3.44 -31.54
C SER A 16 6.09 2.75 -30.51
N GLU A 17 6.76 2.15 -29.51
CA GLU A 17 6.10 1.45 -28.43
C GLU A 17 5.40 2.41 -27.45
N GLN A 18 4.26 1.95 -26.94
CA GLN A 18 3.47 2.74 -26.01
C GLN A 18 3.42 2.10 -24.62
N PHE A 19 3.55 2.92 -23.58
CA PHE A 19 3.57 2.41 -22.23
C PHE A 19 2.72 3.30 -21.38
N GLU A 20 2.45 2.89 -20.15
CA GLU A 20 1.88 3.83 -19.20
C GLU A 20 2.58 3.67 -17.86
N TYR A 21 2.59 4.74 -17.08
CA TYR A 21 3.26 4.67 -15.81
C TYR A 21 2.63 5.54 -14.70
N LEU A 22 2.86 5.11 -13.46
CA LEU A 22 2.37 5.80 -12.27
C LEU A 22 3.48 6.38 -11.42
N SER A 23 3.38 7.66 -11.10
CA SER A 23 4.33 8.29 -10.18
C SER A 23 3.61 8.84 -8.96
N LEU A 24 3.50 8.01 -7.94
CA LEU A 24 2.85 8.39 -6.70
C LEU A 24 3.91 8.94 -5.79
N GLN A 25 3.56 9.95 -5.01
CA GLN A 25 4.52 10.58 -4.14
C GLN A 25 3.81 10.96 -2.88
N SER A 26 4.32 10.53 -1.73
CA SER A 26 3.68 10.84 -0.47
C SER A 26 3.71 12.34 -0.25
N ILE A 27 3.15 12.77 0.89
CA ILE A 27 3.18 14.17 1.32
C ILE A 27 4.32 14.38 2.32
N PRO A 28 5.29 15.25 1.96
CA PRO A 28 6.51 15.43 2.74
C PRO A 28 6.21 15.66 4.21
N LEU A 29 6.67 14.73 5.03
CA LEU A 29 6.33 14.72 6.45
C LEU A 29 7.58 14.94 7.31
N GLU A 30 7.49 15.93 8.19
CA GLU A 30 8.59 16.21 9.13
C GLU A 30 8.76 15.07 10.13
N THR A 31 9.92 14.44 10.10
CA THR A 31 10.12 13.24 10.87
C THR A 31 11.43 13.30 11.62
N HIS A 32 11.73 12.24 12.34
CA HIS A 32 12.93 12.19 13.18
C HIS A 32 14.20 11.97 12.35
N ALA A 33 15.35 12.11 13.00
CA ALA A 33 16.63 12.18 12.32
C ALA A 33 16.90 10.87 11.61
N VAL A 34 17.41 10.96 10.38
CA VAL A 34 17.79 9.78 9.63
C VAL A 34 18.82 9.01 10.46
N VAL A 35 19.95 9.64 10.78
CA VAL A 35 20.90 9.05 11.71
C VAL A 35 20.55 9.40 13.17
N THR A 36 20.64 8.40 14.06
CA THR A 36 20.35 8.60 15.49
C THR A 36 21.33 9.62 16.09
N PRO A 37 20.80 10.75 16.59
CA PRO A 37 21.68 11.81 17.12
C PRO A 37 22.20 11.44 18.50
N ASN A 38 23.36 11.96 18.89
CA ASN A 38 23.81 11.80 20.27
C ASN A 38 23.55 13.08 21.05
N LYS A 39 23.11 12.96 22.30
CA LYS A 39 22.69 14.10 23.10
C LYS A 39 23.70 15.25 23.05
N ASP A 40 24.73 15.13 23.89
CA ASP A 40 25.86 16.04 23.94
C ASP A 40 26.60 16.21 22.59
N ASP A 41 25.96 16.76 21.57
CA ASP A 41 26.63 16.91 20.27
C ASP A 41 26.38 18.26 19.64
N LYS A 42 27.45 18.89 19.15
CA LYS A 42 27.39 20.28 18.64
C LYS A 42 26.29 20.49 17.60
N ARG A 43 26.42 19.81 16.45
CA ARG A 43 25.39 19.91 15.43
C ARG A 43 24.54 18.65 15.45
N VAL A 44 23.28 18.85 15.81
CA VAL A 44 22.26 17.83 15.65
C VAL A 44 21.25 18.49 14.71
N PRO A 45 20.67 17.70 13.79
CA PRO A 45 19.74 18.18 12.75
C PRO A 45 18.68 19.15 13.28
N LYS A 46 18.27 20.10 12.47
CA LYS A 46 17.16 20.97 12.83
C LYS A 46 15.81 20.32 12.47
N SER A 47 15.81 19.56 11.37
CA SER A 47 14.58 18.92 10.87
C SER A 47 14.91 17.90 9.76
N THR A 48 14.07 16.88 9.63
CA THR A 48 14.26 15.80 8.67
C THR A 48 12.99 15.68 7.84
N ILE A 49 13.08 15.81 6.51
CA ILE A 49 11.86 15.81 5.70
C ILE A 49 11.77 14.63 4.73
N LYS A 50 10.96 13.65 5.14
CA LYS A 50 10.79 12.38 4.44
C LYS A 50 9.81 12.50 3.31
N THR A 51 10.01 11.72 2.27
CA THR A 51 9.03 11.63 1.20
C THR A 51 9.17 10.30 0.50
N GLN A 52 8.09 9.81 -0.05
CA GLN A 52 8.17 8.56 -0.74
C GLN A 52 7.79 8.72 -2.20
N HIS A 53 8.65 8.21 -3.06
CA HIS A 53 8.33 8.17 -4.46
C HIS A 53 8.06 6.72 -4.81
N PHE A 54 6.98 6.48 -5.53
CA PHE A 54 6.63 5.12 -5.92
C PHE A 54 6.22 5.10 -7.39
N PHE A 55 6.78 4.18 -8.15
CA PHE A 55 6.56 4.18 -9.59
C PHE A 55 6.04 2.84 -10.08
N SER A 56 5.31 2.84 -11.19
CA SER A 56 4.87 1.58 -11.76
C SER A 56 4.55 1.70 -13.25
N LEU A 57 5.23 0.89 -14.05
CA LEU A 57 5.06 0.93 -15.48
C LEU A 57 4.00 -0.03 -15.96
N PHE A 58 3.38 0.33 -17.07
CA PHE A 58 2.31 -0.46 -17.63
C PHE A 58 2.54 -0.62 -19.11
N HIS A 59 2.31 -1.84 -19.57
CA HIS A 59 2.39 -2.14 -20.98
C HIS A 59 1.20 -3.01 -21.41
N GLN A 60 0.34 -2.42 -22.24
CA GLN A 60 -0.80 -3.11 -22.80
C GLN A 60 -1.77 -3.42 -21.70
N GLY A 61 -1.99 -2.46 -20.78
CA GLY A 61 -2.93 -2.69 -19.71
C GLY A 61 -2.54 -3.81 -18.75
N LYS A 62 -1.23 -4.00 -18.58
CA LYS A 62 -0.68 -4.84 -17.53
C LYS A 62 0.45 -4.11 -16.84
N VAL A 63 0.52 -4.23 -15.52
CA VAL A 63 1.64 -3.68 -14.75
C VAL A 63 2.82 -4.66 -14.83
N PHE A 64 4.06 -4.20 -14.79
CA PHE A 64 5.12 -5.19 -14.86
C PHE A 64 6.35 -4.82 -14.06
N PHE A 65 6.34 -3.64 -13.48
CA PHE A 65 7.49 -3.10 -12.79
C PHE A 65 7.06 -1.98 -11.87
N SER A 66 7.77 -1.87 -10.74
CA SER A 66 7.48 -0.87 -9.72
C SER A 66 8.69 -0.61 -8.87
N LEU A 67 8.85 0.61 -8.38
CA LEU A 67 10.07 0.98 -7.66
C LEU A 67 9.71 1.83 -6.46
N GLU A 68 10.35 1.58 -5.33
CA GLU A 68 10.07 2.33 -4.12
C GLU A 68 11.30 2.94 -3.50
N VAL A 69 11.39 4.26 -3.64
CA VAL A 69 12.53 5.04 -3.18
C VAL A 69 12.08 6.12 -2.21
N TYR A 70 12.82 6.29 -1.12
CA TYR A 70 12.58 7.39 -0.18
C TYR A 70 13.60 8.48 -0.30
N VAL A 71 13.13 9.73 -0.35
CA VAL A 71 14.03 10.88 -0.29
C VAL A 71 13.96 11.63 1.03
N TYR A 72 15.11 11.78 1.69
CA TYR A 72 15.22 12.47 2.97
C TYR A 72 16.06 13.76 2.86
N VAL A 73 15.48 14.90 3.20
CA VAL A 73 16.23 16.17 3.16
C VAL A 73 16.51 16.79 4.55
N THR A 74 17.76 16.72 5.01
CA THR A 74 18.12 17.21 6.35
C THR A 74 18.63 18.66 6.44
N LEU A 75 18.20 19.34 7.50
CA LEU A 75 18.43 20.78 7.72
C LEU A 75 19.15 21.01 9.05
N TRP A 76 20.43 21.37 9.01
CA TRP A 76 21.21 21.58 10.22
C TRP A 76 21.05 23.01 10.72
N ASP A 77 20.84 23.92 9.77
CA ASP A 77 20.57 25.34 10.04
C ASP A 77 20.25 26.08 8.75
N GLU A 78 20.38 27.40 8.81
CA GLU A 78 19.95 28.34 7.76
C GLU A 78 20.22 27.86 6.32
N ALA A 79 21.43 27.37 6.06
CA ALA A 79 21.81 26.98 4.69
C ALA A 79 22.78 25.79 4.67
N ASP A 80 22.89 25.15 5.83
CA ASP A 80 23.57 23.87 5.98
C ASP A 80 22.53 22.76 5.79
N ALA A 81 22.49 22.21 4.59
CA ALA A 81 21.49 21.18 4.23
C ALA A 81 22.18 20.01 3.57
N GLU A 82 21.37 19.00 3.24
CA GLU A 82 21.90 17.71 2.83
C GLU A 82 20.76 16.80 2.42
N ARG A 83 20.86 16.19 1.25
CA ARG A 83 19.82 15.26 0.80
C ARG A 83 20.32 13.82 0.62
N LEU A 84 19.41 12.87 0.86
CA LEU A 84 19.74 11.47 0.77
C LEU A 84 18.66 10.71 0.01
N ILE A 85 19.09 10.00 -1.02
CA ILE A 85 18.21 9.15 -1.78
C ILE A 85 18.45 7.74 -1.32
N PHE A 86 17.38 7.11 -0.84
CA PHE A 86 17.45 5.71 -0.44
C PHE A 86 16.62 4.85 -1.36
N VAL A 87 17.15 3.71 -1.79
CA VAL A 87 16.39 2.87 -2.69
C VAL A 87 15.92 1.60 -2.02
N SER A 88 14.62 1.46 -1.84
CA SER A 88 14.14 0.37 -1.01
C SER A 88 13.86 -0.90 -1.78
N LYS A 89 13.04 -0.78 -2.82
CA LYS A 89 12.53 -1.94 -3.52
C LYS A 89 12.30 -1.64 -4.96
N ALA A 90 12.73 -2.58 -5.81
CA ALA A 90 12.35 -2.59 -7.20
C ALA A 90 11.92 -4.01 -7.46
N ASP A 91 10.97 -4.19 -8.35
CA ASP A 91 10.40 -5.53 -8.59
C ASP A 91 9.73 -5.60 -9.95
N THR A 92 9.72 -6.80 -10.52
CA THR A 92 9.09 -7.08 -11.81
C THR A 92 8.22 -8.31 -11.66
N ASN A 93 7.28 -8.50 -12.58
CA ASN A 93 6.45 -9.71 -12.53
C ASN A 93 6.45 -10.53 -13.82
N GLY A 94 7.32 -10.16 -14.77
CA GLY A 94 7.53 -10.93 -15.98
C GLY A 94 6.31 -11.03 -16.88
N TYR A 95 5.33 -10.15 -16.65
CA TYR A 95 4.11 -10.14 -17.44
C TYR A 95 4.18 -9.02 -18.45
N CYS A 96 5.39 -8.63 -18.83
CA CYS A 96 5.49 -7.69 -19.91
C CYS A 96 5.55 -8.49 -21.20
N ASN A 97 4.71 -8.13 -22.16
CA ASN A 97 4.67 -8.83 -23.45
C ASN A 97 5.93 -8.55 -24.28
N THR A 98 6.27 -7.27 -24.39
CA THR A 98 7.50 -6.81 -25.03
C THR A 98 8.71 -6.95 -24.11
N ARG A 99 9.90 -6.66 -24.61
CA ARG A 99 11.12 -6.69 -23.78
C ARG A 99 11.78 -5.31 -23.68
N VAL A 100 12.24 -5.00 -22.45
CA VAL A 100 12.79 -3.69 -22.10
C VAL A 100 13.97 -3.84 -21.14
N SER A 101 14.82 -2.81 -21.09
CA SER A 101 15.91 -2.77 -20.12
C SER A 101 15.46 -2.24 -18.76
N VAL A 102 14.96 -3.13 -17.90
CA VAL A 102 14.60 -2.70 -16.53
C VAL A 102 15.73 -1.89 -15.89
N ARG A 103 16.96 -2.19 -16.27
CA ARG A 103 18.12 -1.50 -15.71
C ARG A 103 18.17 -0.01 -16.02
N ASP A 104 17.76 0.36 -17.23
CA ASP A 104 17.90 1.74 -17.66
C ASP A 104 16.69 2.51 -17.25
N ILE A 105 15.60 1.78 -17.10
CA ILE A 105 14.38 2.33 -16.58
C ILE A 105 14.66 2.83 -15.18
N THR A 106 15.12 1.93 -14.33
CA THR A 106 15.49 2.25 -12.96
C THR A 106 16.52 3.38 -12.84
N LYS A 107 17.60 3.29 -13.62
CA LYS A 107 18.64 4.32 -13.55
C LYS A 107 18.05 5.70 -13.86
N ILE A 108 17.36 5.77 -14.98
CA ILE A 108 16.66 6.96 -15.40
C ILE A 108 15.78 7.52 -14.30
N ILE A 109 14.83 6.72 -13.83
CA ILE A 109 13.92 7.19 -12.80
C ILE A 109 14.70 7.88 -11.70
N LEU A 110 15.86 7.33 -11.37
CA LEU A 110 16.71 7.92 -10.34
C LEU A 110 17.36 9.23 -10.79
N GLU A 111 17.80 9.29 -12.04
CA GLU A 111 18.34 10.54 -12.53
C GLU A 111 17.31 11.56 -12.18
N PHE A 112 16.09 11.28 -12.64
CA PHE A 112 15.02 12.23 -12.53
C PHE A 112 14.82 12.73 -11.12
N ILE A 113 14.78 11.81 -10.16
CA ILE A 113 14.69 12.15 -8.75
C ILE A 113 15.92 12.95 -8.30
N LEU A 114 16.98 12.85 -9.09
CA LEU A 114 18.23 13.50 -8.74
C LEU A 114 18.25 14.92 -9.23
N SER A 115 17.44 15.21 -10.25
CA SER A 115 17.36 16.56 -10.80
C SER A 115 16.38 17.39 -10.01
N ILE A 116 15.60 16.75 -9.16
CA ILE A 116 14.62 17.47 -8.36
C ILE A 116 15.29 18.45 -7.40
N ASP A 117 14.82 19.70 -7.45
CA ASP A 117 15.30 20.75 -6.55
C ASP A 117 14.83 20.46 -5.14
N PRO A 118 15.78 20.27 -4.21
CA PRO A 118 15.43 19.90 -2.83
C PRO A 118 14.43 20.86 -2.20
N ASN A 119 14.21 22.03 -2.79
CA ASN A 119 13.25 22.97 -2.23
C ASN A 119 11.80 22.56 -2.49
N TYR A 120 11.63 21.64 -3.44
CA TYR A 120 10.33 21.04 -3.72
C TYR A 120 9.83 20.41 -2.45
N TYR A 121 10.70 19.69 -1.76
CA TYR A 121 10.29 19.01 -0.56
C TYR A 121 10.10 19.97 0.61
N LEU A 122 10.41 21.24 0.38
CA LEU A 122 10.43 22.22 1.48
C LEU A 122 9.20 23.13 1.63
N GLN A 123 8.40 23.25 0.57
CA GLN A 123 7.17 24.04 0.63
C GLN A 123 6.29 23.71 1.85
N LYS A 124 5.34 22.80 1.72
CA LYS A 124 4.53 22.39 2.88
C LYS A 124 5.08 21.09 3.46
N VAL A 125 5.05 20.98 4.79
CA VAL A 125 5.58 19.80 5.45
C VAL A 125 4.67 19.46 6.60
N LYS A 126 4.01 18.32 6.50
CA LYS A 126 3.10 17.88 7.55
C LYS A 126 3.92 17.65 8.82
N PRO A 127 3.75 18.52 9.83
CA PRO A 127 4.55 18.32 11.06
C PRO A 127 4.33 16.97 11.75
N ALA A 128 5.19 16.70 12.72
CA ALA A 128 5.17 15.43 13.46
C ALA A 128 4.16 15.47 14.59
N ILE A 129 3.72 16.66 14.96
CA ILE A 129 2.76 16.81 16.06
C ILE A 129 2.19 18.25 16.17
N ARG A 130 0.93 18.43 15.76
CA ARG A 130 0.37 19.79 15.57
C ARG A 130 -0.22 20.43 16.81
N SER A 131 -0.67 21.68 16.64
CA SER A 131 -1.38 22.40 17.69
C SER A 131 -2.80 21.85 17.87
N SER A 136 -8.96 27.33 21.40
CA SER A 136 -10.17 26.98 20.67
C SER A 136 -10.20 25.46 20.41
N PRO A 137 -11.13 24.74 21.07
CA PRO A 137 -11.22 23.27 20.92
C PRO A 137 -12.23 22.79 19.88
N GLU A 138 -13.02 21.79 20.29
CA GLU A 138 -14.12 21.28 19.49
C GLU A 138 -13.57 20.54 18.25
N LEU A 139 -12.52 19.75 18.47
CA LEU A 139 -11.87 19.04 17.37
C LEU A 139 -12.10 17.55 17.43
N ILE A 140 -12.65 17.01 16.36
CA ILE A 140 -12.71 15.56 16.23
C ILE A 140 -11.33 15.05 15.84
N SER A 141 -10.92 13.93 16.44
CA SER A 141 -9.57 13.39 16.22
C SER A 141 -9.48 11.94 16.69
N ALA A 142 -8.35 11.32 16.38
CA ALA A 142 -8.09 9.95 16.80
C ALA A 142 -8.36 9.76 18.30
N ALA A 143 -8.47 10.85 19.03
CA ALA A 143 -8.93 10.78 20.41
C ALA A 143 -10.36 11.29 20.52
N SER A 144 -11.30 10.55 19.93
CA SER A 144 -12.73 10.88 19.99
C SER A 144 -13.57 9.62 19.79
N THR A 145 -14.16 9.09 20.86
CA THR A 145 -15.04 7.94 20.69
C THR A 145 -16.11 8.29 19.65
N PRO A 146 -16.75 7.27 19.07
CA PRO A 146 -17.80 7.53 18.07
C PRO A 146 -18.91 8.32 18.71
N ALA A 147 -19.21 8.01 19.98
CA ALA A 147 -20.24 8.74 20.72
C ALA A 147 -19.88 10.21 20.71
N ARG A 148 -18.79 10.56 21.39
CA ARG A 148 -18.23 11.90 21.37
C ARG A 148 -18.39 12.61 20.03
N THR A 149 -17.70 12.09 19.02
CA THR A 149 -17.72 12.69 17.69
C THR A 149 -19.13 13.07 17.27
N LEU A 150 -20.06 12.14 17.46
CA LEU A 150 -21.46 12.35 17.10
C LEU A 150 -22.05 13.53 17.89
N ARG A 151 -21.88 13.49 19.21
CA ARG A 151 -22.27 14.59 20.05
C ARG A 151 -21.75 15.87 19.42
N ILE A 152 -20.46 15.89 19.12
CA ILE A 152 -19.84 17.08 18.55
C ILE A 152 -20.57 17.52 17.28
N LEU A 153 -20.65 16.64 16.28
CA LEU A 153 -21.39 16.95 15.07
C LEU A 153 -22.79 17.48 15.35
N ALA A 154 -23.33 17.14 16.51
CA ALA A 154 -24.69 17.56 16.85
C ALA A 154 -24.73 19.02 17.35
N ARG A 155 -23.82 19.36 18.26
CA ARG A 155 -23.77 20.72 18.80
C ARG A 155 -23.25 21.71 17.78
N ARG A 156 -22.56 21.19 16.77
CA ARG A 156 -21.97 22.01 15.71
C ARG A 156 -23.00 22.30 14.61
N LEU A 157 -24.08 21.54 14.65
CA LEU A 157 -25.17 21.63 13.68
C LEU A 157 -26.31 22.47 14.25
N LYS A 158 -26.68 22.16 15.50
CA LYS A 158 -27.67 22.93 16.25
C LYS A 158 -27.23 24.37 16.34
N GLN A 159 -25.90 24.59 16.35
CA GLN A 159 -25.30 25.94 16.43
C GLN A 159 -25.05 26.61 15.07
N SER A 160 -24.21 26.00 14.24
CA SER A 160 -24.07 26.46 12.85
C SER A 160 -25.02 25.73 11.88
N GLY A 161 -25.21 26.32 10.69
CA GLY A 161 -26.05 25.70 9.67
C GLY A 161 -25.51 24.36 9.17
N SER A 162 -24.18 24.22 9.22
CA SER A 162 -23.48 23.01 8.78
C SER A 162 -22.68 22.28 9.88
N THR A 163 -21.75 21.44 9.43
CA THR A 163 -21.08 20.46 10.25
C THR A 163 -19.57 20.52 9.96
N VAL A 164 -19.13 21.60 9.30
CA VAL A 164 -17.71 21.82 9.01
C VAL A 164 -17.21 23.05 9.78
N LEU A 165 -15.94 23.43 9.63
CA LEU A 165 -15.39 24.59 10.37
C LEU A 165 -14.62 25.64 9.54
N LYS A 166 -13.83 26.48 10.22
CA LYS A 166 -12.96 27.48 9.56
C LYS A 166 -11.52 27.02 9.24
N GLU A 167 -10.98 27.58 8.16
CA GLU A 167 -9.64 27.25 7.71
C GLU A 167 -9.06 28.42 6.94
N GLN A 174 -6.36 32.54 8.45
CA GLN A 174 -6.35 31.39 7.56
C GLN A 174 -5.64 30.17 8.18
N GLN A 175 -5.99 28.97 7.68
CA GLN A 175 -5.37 27.73 8.18
C GLN A 175 -4.04 27.45 7.50
N ASP A 176 -2.97 27.56 8.29
CA ASP A 176 -1.58 27.57 7.81
C ASP A 176 -0.73 26.48 8.46
N LEU A 177 -1.14 25.99 9.64
CA LEU A 177 -0.43 24.91 10.30
C LEU A 177 -0.12 23.89 9.20
N TYR A 178 1.16 23.83 8.85
CA TYR A 178 1.77 23.06 7.74
C TYR A 178 3.12 23.74 7.48
N LEU A 179 4.19 23.16 8.03
CA LEU A 179 5.54 23.77 8.05
C LEU A 179 6.12 24.17 6.70
N SER A 180 7.10 25.07 6.74
CA SER A 180 7.71 25.54 5.51
C SER A 180 9.18 25.89 5.70
N PHE A 181 10.04 25.44 4.76
CA PHE A 181 11.49 25.61 4.85
C PHE A 181 12.16 25.97 3.52
N THR A 182 13.46 26.28 3.59
CA THR A 182 14.29 26.54 2.41
C THR A 182 15.75 26.15 2.62
N CYS A 183 16.43 25.89 1.51
CA CYS A 183 17.86 25.55 1.49
C CYS A 183 18.42 25.88 0.10
N PRO A 184 19.74 25.80 -0.06
CA PRO A 184 20.49 26.05 -1.31
C PRO A 184 20.17 25.06 -2.40
N ARG A 185 19.69 25.47 -3.57
CA ARG A 185 19.47 24.52 -4.66
C ARG A 185 20.56 23.43 -4.84
N GLU A 186 21.83 23.74 -4.60
CA GLU A 186 22.84 22.67 -4.67
C GLU A 186 23.38 22.17 -3.34
N ILE A 187 22.99 20.96 -2.96
CA ILE A 187 23.48 20.40 -1.72
C ILE A 187 24.13 19.05 -1.87
N LEU A 188 24.59 18.54 -0.74
CA LEU A 188 25.20 17.24 -0.67
C LEU A 188 24.16 16.17 -0.95
N THR A 189 24.27 15.57 -2.15
CA THR A 189 23.47 14.45 -2.55
C THR A 189 24.13 13.19 -2.03
N LYS A 190 23.32 12.33 -1.42
CA LYS A 190 23.75 10.99 -1.07
C LYS A 190 22.82 9.99 -1.69
N ILE A 191 23.28 8.77 -1.84
CA ILE A 191 22.46 7.66 -2.28
C ILE A 191 22.89 6.43 -1.54
N CYS A 192 21.91 5.71 -1.00
CA CYS A 192 22.19 4.53 -0.22
C CYS A 192 21.29 3.43 -0.67
N LEU A 193 21.81 2.22 -0.73
CA LEU A 193 20.94 1.10 -0.98
C LEU A 193 21.57 -0.19 -0.51
N PHE A 194 20.74 -1.20 -0.34
CA PHE A 194 21.18 -2.47 0.16
C PHE A 194 20.64 -3.54 -0.76
N THR A 195 21.51 -4.08 -1.60
CA THR A 195 21.07 -5.11 -2.51
C THR A 195 20.80 -6.41 -1.75
N ARG A 196 19.59 -6.92 -1.91
CA ARG A 196 19.28 -8.27 -1.50
C ARG A 196 18.23 -8.80 -2.44
N PRO A 197 18.50 -9.95 -3.07
CA PRO A 197 17.54 -10.49 -4.02
C PRO A 197 16.50 -11.29 -3.24
N ALA A 198 15.26 -11.27 -3.73
CA ALA A 198 14.18 -12.02 -3.16
C ALA A 198 13.22 -12.34 -4.29
N SER A 199 12.33 -13.29 -4.05
CA SER A 199 11.42 -13.78 -5.08
C SER A 199 10.56 -12.65 -5.63
N GLN A 200 10.04 -11.81 -4.73
CA GLN A 200 9.34 -10.60 -5.14
C GLN A 200 9.32 -9.59 -4.01
N TYR A 201 9.29 -8.31 -4.38
CA TYR A 201 9.24 -7.21 -3.42
C TYR A 201 7.92 -6.45 -3.38
N LEU A 202 7.30 -6.29 -4.54
CA LEU A 202 6.11 -5.47 -4.68
C LEU A 202 4.97 -6.17 -5.41
N PHE A 203 5.24 -7.36 -5.94
CA PHE A 203 4.28 -8.13 -6.72
C PHE A 203 4.12 -9.51 -6.12
N PRO A 204 3.19 -9.65 -5.18
CA PRO A 204 3.09 -10.94 -4.49
C PRO A 204 2.88 -12.12 -5.44
N ASP A 205 3.45 -13.28 -5.07
CA ASP A 205 3.34 -14.54 -5.84
C ASP A 205 3.91 -14.54 -7.28
N SER A 206 4.35 -13.40 -7.77
CA SER A 206 4.79 -13.29 -9.17
C SER A 206 5.97 -14.20 -9.44
N SER A 207 6.50 -14.80 -8.38
CA SER A 207 7.60 -15.74 -8.49
C SER A 207 7.06 -17.05 -9.01
N LYS A 208 5.75 -17.24 -8.86
CA LYS A 208 5.03 -18.37 -9.47
C LYS A 208 4.81 -18.11 -10.95
N ASN A 209 5.31 -16.99 -11.45
CA ASN A 209 5.37 -16.79 -12.90
C ASN A 209 6.71 -17.19 -13.48
N SER A 210 6.65 -18.20 -14.34
CA SER A 210 7.79 -18.70 -15.09
C SER A 210 8.60 -17.61 -15.81
N LYS A 211 7.95 -16.88 -16.70
CA LYS A 211 8.61 -15.83 -17.47
C LYS A 211 9.28 -14.73 -16.63
N LYS A 212 9.14 -14.80 -15.29
CA LYS A 212 9.79 -13.81 -14.42
C LYS A 212 11.25 -14.12 -14.15
N HIS A 213 12.14 -13.18 -14.50
CA HIS A 213 13.58 -13.34 -14.35
C HIS A 213 14.19 -12.77 -13.07
N ILE A 214 14.63 -13.67 -12.18
CA ILE A 214 15.24 -13.32 -10.90
C ILE A 214 16.78 -13.27 -10.94
N LEU A 215 17.38 -12.18 -10.48
CA LEU A 215 18.84 -12.13 -10.37
C LEU A 215 19.25 -12.68 -9.01
N ASN A 216 20.28 -13.53 -8.98
CA ASN A 216 20.80 -14.03 -7.69
C ASN A 216 21.66 -12.98 -7.01
N GLY A 217 22.24 -13.35 -5.87
CA GLY A 217 23.10 -12.44 -5.13
C GLY A 217 24.13 -11.68 -5.96
N GLU A 218 25.07 -12.41 -6.57
CA GLU A 218 26.14 -11.77 -7.30
C GLU A 218 25.64 -11.17 -8.61
N GLU A 219 24.40 -11.47 -8.96
CA GLU A 219 23.82 -10.99 -10.20
C GLU A 219 23.17 -9.64 -10.01
N LEU A 220 22.50 -9.50 -8.88
CA LEU A 220 21.91 -8.24 -8.48
C LEU A 220 22.99 -7.21 -8.26
N MET A 221 24.01 -7.60 -7.51
CA MET A 221 25.07 -6.67 -7.13
C MET A 221 25.72 -5.94 -8.32
N LYS A 222 26.01 -6.66 -9.39
CA LYS A 222 26.62 -6.03 -10.56
C LYS A 222 25.60 -5.16 -11.26
N TRP A 223 24.36 -5.64 -11.29
CA TRP A 223 23.27 -4.90 -11.89
C TRP A 223 23.21 -3.52 -11.27
N TRP A 224 23.01 -3.51 -9.97
CA TRP A 224 22.90 -2.25 -9.23
C TRP A 224 24.10 -1.38 -9.40
N GLY A 225 25.28 -1.98 -9.24
CA GLY A 225 26.54 -1.28 -9.35
C GLY A 225 26.76 -0.64 -10.70
N PHE A 226 26.09 -1.15 -11.73
CA PHE A 226 26.23 -0.57 -13.05
C PHE A 226 25.35 0.67 -13.12
N ILE A 227 24.24 0.61 -12.42
CA ILE A 227 23.29 1.72 -12.39
C ILE A 227 23.88 2.91 -11.65
N LEU A 228 24.61 2.65 -10.59
CA LEU A 228 25.30 3.69 -9.85
C LEU A 228 26.54 4.16 -10.58
N ASP A 229 27.19 3.25 -11.29
CA ASP A 229 28.38 3.66 -12.01
C ASP A 229 27.95 4.65 -13.06
N ARG A 230 26.90 4.30 -13.79
CA ARG A 230 26.39 5.18 -14.84
C ARG A 230 26.07 6.55 -14.26
N LEU A 231 25.54 6.55 -13.04
CA LEU A 231 25.08 7.80 -12.45
C LEU A 231 26.22 8.67 -11.95
N LEU A 232 27.21 8.02 -11.36
CA LEU A 232 28.35 8.74 -10.85
C LEU A 232 29.04 9.47 -11.98
N ILE A 233 29.01 8.87 -13.16
CA ILE A 233 29.59 9.53 -14.31
C ILE A 233 28.69 10.67 -14.75
N GLU A 234 27.50 10.32 -15.26
CA GLU A 234 26.64 11.27 -15.94
C GLU A 234 26.12 12.42 -15.07
N CYS A 235 26.00 12.18 -13.77
CA CYS A 235 25.21 13.06 -12.92
C CYS A 235 25.99 13.65 -11.77
N PHE A 236 26.98 12.92 -11.28
CA PHE A 236 27.78 13.41 -10.17
C PHE A 236 29.14 13.93 -10.61
N GLN A 237 29.84 14.56 -9.68
CA GLN A 237 31.13 15.19 -9.93
C GLN A 237 32.33 14.29 -9.76
N ASN A 238 33.48 14.71 -10.27
CA ASN A 238 34.58 13.77 -10.43
C ASN A 238 35.36 13.46 -9.15
N ASP A 239 34.94 14.07 -8.05
CA ASP A 239 35.52 13.78 -6.75
C ASP A 239 34.46 13.16 -5.84
N THR A 240 33.29 12.92 -6.39
CA THR A 240 32.24 12.27 -5.61
C THR A 240 32.86 11.06 -4.96
N GLN A 241 32.41 10.77 -3.75
CA GLN A 241 32.91 9.64 -3.00
C GLN A 241 31.96 8.46 -3.09
N ALA A 242 32.41 7.34 -3.65
CA ALA A 242 31.59 6.14 -3.84
C ALA A 242 32.19 4.96 -3.13
N LYS A 243 31.35 4.19 -2.49
CA LYS A 243 31.82 3.11 -1.66
C LYS A 243 31.00 1.87 -1.92
N LEU A 244 31.63 0.71 -1.80
CA LEU A 244 30.92 -0.55 -1.87
C LEU A 244 31.30 -1.39 -0.67
N ARG A 245 30.38 -2.24 -0.25
CA ARG A 245 30.63 -3.13 0.86
C ARG A 245 29.91 -4.44 0.62
N ILE A 246 30.61 -5.55 0.80
CA ILE A 246 30.01 -6.87 0.57
C ILE A 246 30.21 -7.76 1.78
N PRO A 247 29.21 -7.81 2.66
CA PRO A 247 29.30 -8.52 3.93
C PRO A 247 29.75 -9.97 3.77
N GLY A 248 30.74 -10.36 4.58
CA GLY A 248 31.33 -11.68 4.48
C GLY A 248 32.28 -11.84 3.31
N GLU A 249 32.88 -10.73 2.87
CA GLU A 249 33.80 -10.77 1.75
C GLU A 249 35.10 -10.03 2.11
N ASP A 250 36.07 -10.11 1.21
CA ASP A 250 37.44 -9.67 1.45
C ASP A 250 37.73 -8.38 0.70
N PRO A 251 38.29 -7.40 1.40
CA PRO A 251 38.67 -6.09 0.85
C PRO A 251 39.41 -6.24 -0.49
N ALA A 252 40.16 -7.32 -0.63
CA ALA A 252 40.76 -7.67 -1.91
C ALA A 252 39.67 -8.07 -2.91
N ARG A 253 38.75 -8.89 -2.43
CA ARG A 253 37.62 -9.37 -3.21
C ARG A 253 36.83 -8.24 -3.82
N VAL A 254 36.39 -7.31 -2.99
CA VAL A 254 35.63 -6.18 -3.50
C VAL A 254 36.40 -5.42 -4.56
N ARG A 255 37.66 -5.07 -4.27
CA ARG A 255 38.44 -4.24 -5.18
C ARG A 255 38.47 -4.84 -6.57
N SER A 256 38.24 -6.13 -6.63
CA SER A 256 38.24 -6.84 -7.89
C SER A 256 36.95 -6.65 -8.68
N TYR A 257 35.82 -6.51 -7.98
CA TYR A 257 34.56 -6.10 -8.63
C TYR A 257 34.71 -4.66 -9.08
N LEU A 258 35.31 -3.87 -8.21
CA LEU A 258 35.40 -2.44 -8.39
C LEU A 258 36.25 -2.11 -9.60
N ARG A 259 37.22 -2.97 -9.87
CA ARG A 259 38.07 -2.78 -11.02
C ARG A 259 37.27 -2.98 -12.30
N GLY A 260 36.00 -3.36 -12.15
CA GLY A 260 35.13 -3.51 -13.29
C GLY A 260 34.40 -2.23 -13.57
N MET A 261 34.40 -1.34 -12.57
CA MET A 261 33.66 -0.09 -12.59
C MET A 261 34.37 0.96 -13.44
N LYS A 262 33.67 1.52 -14.41
CA LYS A 262 34.26 2.61 -15.17
C LYS A 262 34.65 3.79 -14.27
N TYR A 263 33.83 4.13 -13.27
CA TYR A 263 34.19 5.22 -12.34
C TYR A 263 35.50 4.91 -11.61
N PRO A 264 36.37 5.93 -11.54
CA PRO A 264 37.71 5.87 -10.97
C PRO A 264 37.77 5.72 -9.44
N LEU A 265 36.86 6.39 -8.72
CA LEU A 265 37.05 6.56 -7.27
C LEU A 265 36.34 5.57 -6.36
N TRP A 266 35.61 4.61 -6.93
CA TRP A 266 35.00 3.55 -6.17
C TRP A 266 35.98 2.96 -5.18
N GLN A 267 35.61 2.99 -3.91
CA GLN A 267 36.44 2.37 -2.89
C GLN A 267 35.65 1.44 -2.02
N VAL A 268 36.39 0.59 -1.33
CA VAL A 268 35.81 -0.27 -0.32
C VAL A 268 35.42 0.59 0.87
N GLY A 269 34.31 0.26 1.50
CA GLY A 269 33.84 0.96 2.67
C GLY A 269 32.41 1.42 2.53
N ASP A 270 32.10 2.48 3.24
CA ASP A 270 30.76 3.04 3.22
C ASP A 270 30.89 4.52 3.46
N ILE A 271 29.82 5.25 3.24
CA ILE A 271 29.84 6.70 3.42
C ILE A 271 29.42 7.17 4.83
N PHE A 272 29.50 6.29 5.82
CA PHE A 272 29.18 6.68 7.18
C PHE A 272 30.42 6.67 8.01
N THR A 273 31.56 6.53 7.35
CA THR A 273 32.84 6.40 8.05
C THR A 273 32.95 7.36 9.23
N SER A 274 33.24 8.62 8.96
CA SER A 274 33.25 9.68 9.98
C SER A 274 34.01 9.36 11.29
N LYS A 275 35.29 9.76 11.36
CA LYS A 275 36.06 9.55 12.58
C LYS A 275 35.41 10.20 13.82
N GLU A 276 34.69 11.32 13.62
CA GLU A 276 33.84 11.90 14.67
C GLU A 276 32.71 10.91 15.09
N ASN A 277 32.57 10.71 16.42
CA ASN A 277 31.76 9.65 17.04
C ASN A 277 31.91 8.22 16.49
N SER A 278 32.95 7.52 16.96
CA SER A 278 33.29 6.18 16.49
C SER A 278 32.40 5.10 17.13
N LEU A 279 31.09 5.27 17.02
CA LEU A 279 30.17 4.33 17.62
C LEU A 279 29.01 4.10 16.68
N ALA A 280 28.69 2.83 16.45
CA ALA A 280 27.69 2.44 15.44
C ALA A 280 26.40 3.27 15.52
N VAL A 281 25.69 3.17 16.64
CA VAL A 281 24.36 3.78 16.70
C VAL A 281 24.31 5.21 16.19
N TYR A 282 25.37 6.00 16.41
CA TYR A 282 25.33 7.39 15.99
C TYR A 282 25.82 7.62 14.57
N ASN A 283 26.08 6.54 13.83
CA ASN A 283 26.47 6.68 12.43
C ASN A 283 25.51 6.05 11.44
N ILE A 284 25.05 4.84 11.76
CA ILE A 284 24.22 4.07 10.85
C ILE A 284 22.86 4.73 10.61
N PRO A 285 22.55 5.00 9.35
CA PRO A 285 21.24 5.60 9.07
C PRO A 285 20.14 4.54 9.27
N LEU A 286 18.91 4.98 9.52
CA LEU A 286 17.81 4.04 9.78
C LEU A 286 16.69 4.14 8.74
N PHE A 287 16.55 3.13 7.89
CA PHE A 287 15.57 3.17 6.79
C PHE A 287 14.50 2.09 6.88
N PRO A 288 13.40 2.28 6.14
CA PRO A 288 12.36 1.26 6.06
C PRO A 288 12.94 -0.09 5.68
N ASP A 289 12.66 -1.08 6.52
CA ASP A 289 12.72 -2.45 6.09
C ASP A 289 14.16 -2.84 5.82
N ASP A 290 15.07 -1.99 6.28
CA ASP A 290 16.50 -2.17 6.03
C ASP A 290 17.14 -3.12 7.03
N PRO A 291 18.14 -3.90 6.59
CA PRO A 291 18.88 -4.71 7.55
C PRO A 291 19.68 -3.82 8.52
OH ALY A 292 21.40 1.56 3.21
CH ALY A 292 22.29 1.48 4.03
CH3 ALY A 292 23.65 2.05 3.77
NZ ALY A 292 22.14 0.91 5.22
CE ALY A 292 22.87 1.41 6.36
CD ALY A 292 23.58 0.30 7.14
CG ALY A 292 22.70 -0.90 7.43
CB ALY A 292 21.41 -0.54 8.15
CA ALY A 292 20.89 -1.75 8.91
N ALY A 292 20.16 -2.67 8.05
C ALY A 292 19.99 -1.33 10.03
O ALY A 292 20.37 -1.44 11.18
N ALA A 293 18.79 -0.87 9.72
CA ALA A 293 17.81 -0.60 10.76
C ALA A 293 17.59 -1.85 11.63
N ARG A 294 17.53 -3.02 10.99
CA ARG A 294 17.23 -4.31 11.63
C ARG A 294 18.24 -4.66 12.73
N PHE A 295 19.47 -4.92 12.32
CA PHE A 295 20.55 -5.22 13.26
C PHE A 295 20.56 -4.18 14.39
N ILE A 296 20.37 -2.90 14.03
CA ILE A 296 20.44 -1.79 15.00
C ILE A 296 19.46 -2.00 16.14
N HIS A 297 18.19 -2.08 15.77
CA HIS A 297 17.11 -2.33 16.70
C HIS A 297 17.36 -3.62 17.46
N GLN A 298 17.85 -4.66 16.77
CA GLN A 298 18.24 -5.90 17.46
C GLN A 298 19.10 -5.55 18.68
N LEU A 299 20.09 -4.67 18.48
CA LEU A 299 21.00 -4.29 19.56
C LEU A 299 20.36 -3.35 20.59
N ALA A 300 19.28 -2.68 20.21
CA ALA A 300 18.51 -1.89 21.16
C ALA A 300 17.96 -2.83 22.24
N GLU A 301 17.41 -3.96 21.80
CA GLU A 301 16.85 -4.97 22.69
C GLU A 301 17.92 -5.58 23.58
N GLU A 302 18.79 -6.39 22.98
CA GLU A 302 19.86 -7.09 23.70
C GLU A 302 20.88 -6.09 24.27
N ASP A 303 20.48 -4.81 24.28
CA ASP A 303 21.26 -3.69 24.83
C ASP A 303 22.76 -3.68 24.54
N ARG A 304 23.15 -3.31 23.32
CA ARG A 304 24.56 -3.26 22.97
C ARG A 304 24.83 -2.04 22.12
N LEU A 305 23.84 -1.15 22.08
CA LEU A 305 23.89 0.02 21.22
C LEU A 305 25.08 0.93 21.57
N LEU A 306 25.40 1.06 22.85
CA LEU A 306 26.51 1.92 23.26
C LEU A 306 27.78 1.08 23.50
N LYS A 307 27.92 0.00 22.71
CA LYS A 307 29.04 -0.92 22.88
C LYS A 307 29.65 -1.42 21.56
N VAL A 308 28.97 -1.20 20.43
CA VAL A 308 29.49 -1.71 19.13
C VAL A 308 30.01 -0.59 18.24
N SER A 309 31.32 -0.59 17.98
CA SER A 309 31.85 0.43 17.09
C SER A 309 31.24 0.23 15.72
N LEU A 310 31.17 1.30 14.95
CA LEU A 310 30.77 1.21 13.57
C LEU A 310 31.66 0.11 12.99
N SER A 311 32.92 0.11 13.40
CA SER A 311 33.89 -0.86 12.91
C SER A 311 33.38 -2.26 13.19
N SER A 312 32.96 -2.46 14.43
CA SER A 312 32.47 -3.75 14.91
C SER A 312 31.13 -4.10 14.25
N PHE A 313 30.22 -3.13 14.28
CA PHE A 313 28.93 -3.27 13.65
C PHE A 313 29.03 -4.10 12.38
N TRP A 314 29.87 -3.66 11.45
CA TRP A 314 29.99 -4.35 10.16
C TRP A 314 30.36 -5.79 10.31
N ILE A 315 31.32 -6.01 11.20
CA ILE A 315 31.88 -7.33 11.43
C ILE A 315 30.85 -8.28 12.05
N GLU A 316 30.05 -7.74 12.96
CA GLU A 316 29.06 -8.58 13.58
C GLU A 316 27.92 -8.85 12.65
N LEU A 317 27.57 -7.85 11.84
CA LEU A 317 26.40 -7.95 10.95
C LEU A 317 26.50 -9.18 10.07
N GLN A 318 27.72 -9.42 9.60
CA GLN A 318 28.00 -10.51 8.65
C GLN A 318 27.64 -11.87 9.22
N GLU A 319 27.94 -12.09 10.48
CA GLU A 319 27.51 -13.32 11.13
C GLU A 319 26.05 -13.18 11.48
N ARG A 320 25.64 -13.82 12.55
CA ARG A 320 24.23 -13.81 12.96
C ARG A 320 23.28 -14.18 11.83
N GLN A 321 23.56 -15.33 11.20
CA GLN A 321 22.80 -15.81 10.04
C GLN A 321 22.45 -14.67 9.09
N GLU A 322 21.17 -14.56 8.71
CA GLU A 322 20.71 -13.64 7.66
C GLU A 322 21.69 -13.59 6.51
N PHE A 323 22.82 -12.92 6.73
CA PHE A 323 23.85 -12.88 5.73
C PHE A 323 24.54 -14.22 5.70
N LYS A 324 24.74 -14.80 6.88
CA LYS A 324 25.48 -16.05 7.02
C LYS A 324 24.78 -17.15 6.25
N LEU A 325 23.47 -17.06 6.11
CA LEU A 325 22.80 -18.11 5.34
C LEU A 325 21.93 -17.52 4.22
N SER A 326 22.44 -16.45 3.59
CA SER A 326 21.85 -15.89 2.38
C SER A 326 22.88 -15.50 1.30
N VAL A 327 22.47 -15.56 0.04
CA VAL A 327 23.36 -15.16 -1.04
C VAL A 327 23.92 -13.73 -0.88
N THR A 328 24.89 -13.43 -1.72
CA THR A 328 25.54 -12.13 -1.82
C THR A 328 24.58 -10.94 -1.72
N SER A 329 24.89 -10.06 -0.77
CA SER A 329 24.21 -8.79 -0.59
C SER A 329 25.32 -7.78 -0.44
N SER A 330 25.10 -6.54 -0.89
CA SER A 330 26.11 -5.49 -0.78
C SER A 330 25.47 -4.17 -0.39
N VAL A 331 26.23 -3.36 0.33
CA VAL A 331 25.83 -1.99 0.68
C VAL A 331 26.60 -0.94 -0.10
N MET A 332 25.91 -0.20 -0.93
CA MET A 332 26.55 0.83 -1.71
C MET A 332 26.25 2.18 -1.12
N GLY A 333 27.19 3.10 -1.25
CA GLY A 333 26.99 4.40 -0.67
C GLY A 333 27.56 5.47 -1.55
N ILE A 334 26.85 6.58 -1.68
CA ILE A 334 27.35 7.72 -2.45
C ILE A 334 27.26 9.03 -1.68
N SER A 335 28.16 9.96 -2.00
CA SER A 335 28.28 11.22 -1.27
C SER A 335 29.13 12.20 -2.07
N GLY A 336 28.47 13.14 -2.72
CA GLY A 336 29.13 14.04 -3.63
C GLY A 336 28.24 15.23 -3.95
N TYR A 337 28.56 15.92 -5.04
CA TYR A 337 27.74 17.02 -5.52
C TYR A 337 27.32 16.74 -6.95
N SER A 338 26.11 17.14 -7.33
CA SER A 338 25.61 16.85 -8.67
C SER A 338 26.25 17.78 -9.71
N LEU A 339 26.50 17.25 -10.92
CA LEU A 339 27.03 18.06 -12.03
C LEU A 339 26.21 19.30 -12.25
N ALA A 340 24.99 19.12 -12.77
CA ALA A 340 24.04 20.20 -12.91
C ALA A 340 23.53 20.56 -11.52
N THR A 341 22.82 21.67 -11.41
CA THR A 341 22.24 22.06 -10.14
C THR A 341 20.81 21.56 -10.13
N PRO A 342 20.48 20.67 -9.18
CA PRO A 342 19.11 20.13 -9.11
C PRO A 342 18.11 21.26 -8.95
N SER A 343 17.05 21.25 -9.76
CA SER A 343 16.16 22.40 -9.88
C SER A 343 14.91 22.05 -10.65
N LEU A 344 14.11 21.13 -10.14
CA LEU A 344 12.92 20.71 -10.89
C LEU A 344 11.71 20.38 -10.01
N PHE A 345 10.88 21.39 -9.76
CA PHE A 345 9.56 21.15 -9.23
C PHE A 345 8.75 20.42 -10.30
N PRO A 346 8.40 19.15 -10.04
CA PRO A 346 7.71 18.31 -11.03
C PRO A 346 6.23 18.68 -11.26
N SER A 347 5.83 18.52 -12.52
CA SER A 347 4.46 18.77 -12.94
C SER A 347 3.48 17.79 -12.35
N SER A 348 2.19 18.09 -12.50
CA SER A 348 1.13 17.16 -12.13
C SER A 348 1.25 15.90 -12.96
N ALA A 349 1.83 16.04 -14.14
CA ALA A 349 2.16 14.88 -14.96
C ALA A 349 3.42 14.17 -14.45
N ASP A 350 4.27 14.89 -13.74
CA ASP A 350 5.45 14.25 -13.16
C ASP A 350 5.16 13.46 -11.88
N VAL A 351 4.32 14.01 -11.00
CA VAL A 351 3.89 13.25 -9.82
C VAL A 351 2.36 13.19 -9.67
N ILE A 352 1.90 12.43 -8.67
CA ILE A 352 0.51 12.45 -8.24
C ILE A 352 0.48 12.34 -6.74
N VAL A 353 0.00 13.38 -6.07
CA VAL A 353 0.18 13.50 -4.63
C VAL A 353 -1.12 13.32 -3.84
N PRO A 354 -1.41 12.08 -3.46
CA PRO A 354 -2.66 11.78 -2.74
C PRO A 354 -2.94 12.78 -1.63
N LYS A 355 -4.23 13.03 -1.35
CA LYS A 355 -4.69 13.91 -0.28
C LYS A 355 -4.18 13.47 1.08
N SER A 356 -3.92 12.19 1.26
CA SER A 356 -3.67 11.70 2.60
C SER A 356 -2.84 10.44 2.61
N ARG A 357 -2.39 10.05 3.79
CA ARG A 357 -1.83 8.72 3.95
C ARG A 357 -2.89 7.79 3.41
N LYS A 358 -4.11 7.95 3.88
CA LYS A 358 -5.15 6.99 3.55
C LYS A 358 -5.28 6.72 2.04
N GLN A 359 -5.35 7.78 1.25
CA GLN A 359 -5.55 7.61 -0.17
C GLN A 359 -4.28 7.07 -0.81
N PHE A 360 -3.13 7.62 -0.40
CA PHE A 360 -1.82 7.15 -0.89
C PHE A 360 -1.71 5.64 -0.77
N ARG A 361 -1.87 5.14 0.45
CA ARG A 361 -1.82 3.71 0.71
C ARG A 361 -2.80 2.98 -0.20
N ALA A 362 -3.96 3.58 -0.34
CA ALA A 362 -5.07 2.97 -1.07
C ALA A 362 -4.68 2.57 -2.48
N ILE A 363 -3.95 3.44 -3.16
CA ILE A 363 -3.64 3.29 -4.56
C ILE A 363 -2.45 2.35 -4.74
N LYS A 364 -1.60 2.34 -3.73
CA LYS A 364 -0.41 1.52 -3.76
C LYS A 364 -0.86 0.07 -3.62
N LYS A 365 -1.80 -0.18 -2.71
CA LYS A 365 -2.27 -1.54 -2.46
C LYS A 365 -2.98 -2.13 -3.68
N TYR A 366 -3.41 -1.30 -4.61
CA TYR A 366 -4.07 -1.80 -5.81
C TYR A 366 -3.09 -2.63 -6.61
N ILE A 367 -1.82 -2.41 -6.33
CA ILE A 367 -0.72 -3.04 -7.02
C ILE A 367 -0.01 -4.03 -6.13
N THR A 368 0.69 -3.50 -5.14
CA THR A 368 1.40 -4.27 -4.14
C THR A 368 0.57 -5.33 -3.43
N GLY A 369 -0.75 -5.19 -3.47
CA GLY A 369 -1.63 -6.03 -2.69
C GLY A 369 -2.22 -7.17 -3.49
N GLU A 370 -2.22 -6.99 -4.81
CA GLU A 370 -2.71 -7.96 -5.76
C GLU A 370 -1.86 -9.23 -5.75
N GLU A 371 -2.49 -10.36 -6.10
CA GLU A 371 -1.79 -11.64 -6.38
C GLU A 371 -1.36 -11.67 -7.85
N TYR A 372 -0.16 -12.21 -8.08
CA TYR A 372 0.44 -12.20 -9.43
C TYR A 372 0.87 -13.54 -9.99
N ASP A 373 0.35 -14.64 -9.44
CA ASP A 373 0.69 -15.97 -9.93
C ASP A 373 0.00 -16.24 -11.25
N THR A 374 -0.70 -15.23 -11.75
CA THR A 374 -1.46 -15.27 -13.00
C THR A 374 -1.54 -13.87 -13.59
N GLU A 375 -1.29 -13.77 -14.88
CA GLU A 375 -1.44 -12.51 -15.63
C GLU A 375 -2.77 -11.82 -15.29
N GLU A 376 -3.63 -12.53 -14.56
CA GLU A 376 -4.92 -11.99 -14.15
C GLU A 376 -4.69 -10.79 -13.26
N GLY A 377 -3.98 -11.00 -12.16
CA GLY A 377 -3.63 -9.93 -11.24
C GLY A 377 -2.97 -8.70 -11.84
N ALA A 378 -2.05 -8.87 -12.79
CA ALA A 378 -1.36 -7.73 -13.38
C ALA A 378 -2.30 -6.94 -14.25
N ILE A 379 -3.24 -7.62 -14.86
CA ILE A 379 -4.27 -6.95 -15.64
C ILE A 379 -5.19 -6.23 -14.68
N GLU A 380 -5.63 -6.97 -13.67
CA GLU A 380 -6.43 -6.40 -12.60
C GLU A 380 -5.79 -5.13 -12.07
N ALA A 381 -4.56 -5.24 -11.57
CA ALA A 381 -3.89 -4.11 -10.94
C ALA A 381 -3.82 -2.85 -11.79
N PHE A 382 -3.90 -2.99 -13.11
CA PHE A 382 -3.81 -1.82 -13.96
C PHE A 382 -5.15 -1.10 -14.03
N THR A 383 -6.15 -1.85 -14.45
CA THR A 383 -7.49 -1.32 -14.56
C THR A 383 -7.91 -0.65 -13.25
N ASN A 384 -7.88 -1.39 -12.15
CA ASN A 384 -8.15 -0.85 -10.83
C ASN A 384 -7.40 0.42 -10.46
N ILE A 385 -6.30 0.69 -11.13
CA ILE A 385 -5.63 1.94 -10.86
C ILE A 385 -6.19 3.06 -11.72
N ARG A 386 -6.38 2.80 -13.01
CA ARG A 386 -6.89 3.86 -13.87
C ARG A 386 -8.34 4.19 -13.51
N ASP A 387 -9.18 3.16 -13.40
CA ASP A 387 -10.52 3.31 -12.88
C ASP A 387 -10.52 4.27 -11.69
N PHE A 388 -9.64 3.99 -10.74
CA PHE A 388 -9.59 4.71 -9.47
C PHE A 388 -9.07 6.14 -9.54
N LEU A 389 -8.06 6.38 -10.34
CA LEU A 389 -7.53 7.73 -10.42
C LEU A 389 -8.59 8.61 -11.03
N LEU A 390 -9.16 8.10 -12.12
CA LEU A 390 -10.27 8.77 -12.80
C LEU A 390 -11.39 9.05 -11.81
N LEU A 391 -11.93 7.98 -11.22
CA LEU A 391 -13.04 8.15 -10.30
C LEU A 391 -12.72 9.14 -9.19
N ARG A 392 -11.83 8.77 -8.28
CA ARG A 392 -11.73 9.49 -7.04
C ARG A 392 -10.76 10.62 -7.07
N MET A 393 -10.04 10.77 -8.18
CA MET A 393 -9.03 11.81 -8.22
C MET A 393 -9.03 12.62 -9.50
N ALA A 394 -9.97 12.34 -10.40
CA ALA A 394 -10.00 13.03 -11.67
C ALA A 394 -8.61 13.07 -12.28
N THR A 395 -8.00 11.90 -12.47
CA THR A 395 -6.73 11.84 -13.16
C THR A 395 -6.53 10.49 -13.82
N ASN A 396 -5.34 10.29 -14.38
CA ASN A 396 -5.09 9.11 -15.20
C ASN A 396 -3.60 9.01 -15.51
N LEU A 397 -3.15 7.81 -15.85
CA LEU A 397 -1.73 7.59 -15.99
C LEU A 397 -1.12 8.46 -17.09
N GLN A 398 0.17 8.33 -17.27
CA GLN A 398 0.82 9.00 -18.36
C GLN A 398 1.10 8.00 -19.45
N SER A 399 0.76 8.42 -20.67
CA SER A 399 1.01 7.59 -21.83
C SER A 399 2.39 7.88 -22.39
N LEU A 400 3.02 6.84 -22.89
CA LEU A 400 4.39 6.93 -23.33
C LEU A 400 4.57 6.36 -24.70
N THR A 401 5.17 7.19 -25.55
CA THR A 401 5.59 6.78 -26.89
C THR A 401 7.07 6.48 -26.77
N GLY A 402 7.42 5.20 -26.76
CA GLY A 402 8.80 4.78 -26.59
C GLY A 402 9.65 5.28 -27.74
N LYS A 403 10.83 5.82 -27.44
CA LYS A 403 11.63 6.38 -28.51
C LYS A 403 13.10 6.03 -28.38
N ARG A 404 13.41 4.73 -28.37
CA ARG A 404 14.80 4.33 -28.25
C ARG A 404 15.18 3.29 -29.30
N GLU A 405 16.09 3.67 -30.22
CA GLU A 405 16.40 2.82 -31.38
C GLU A 405 17.06 1.48 -30.98
N HIS A 406 16.56 0.38 -31.57
CA HIS A 406 16.97 -0.98 -31.20
C HIS A 406 16.42 -1.32 -29.81
N ASN B 9 -19.94 -49.51 39.91
CA ASN B 9 -21.25 -49.41 39.26
C ASN B 9 -21.90 -48.03 39.42
N GLU B 10 -21.56 -47.37 40.52
CA GLU B 10 -21.82 -45.94 40.64
C GLU B 10 -20.95 -45.24 39.57
N HIS B 11 -19.95 -45.96 39.05
CA HIS B 11 -19.20 -45.48 37.88
C HIS B 11 -20.01 -45.63 36.59
N ALA B 12 -20.82 -46.67 36.47
CA ALA B 12 -21.67 -46.79 35.29
C ALA B 12 -22.73 -45.69 35.36
N LYS B 13 -22.98 -45.22 36.58
CA LYS B 13 -23.95 -44.18 36.81
C LYS B 13 -23.45 -42.86 36.26
N ALA B 14 -22.36 -42.36 36.84
CA ALA B 14 -21.77 -41.05 36.51
C ALA B 14 -21.46 -40.88 35.02
N PHE B 15 -21.06 -41.96 34.36
CA PHE B 15 -20.79 -41.95 32.94
C PHE B 15 -22.03 -41.73 32.10
N LEU B 16 -23.10 -42.38 32.47
CA LEU B 16 -24.30 -42.24 31.68
C LEU B 16 -24.75 -40.80 31.80
N GLY B 17 -24.47 -40.21 32.96
CA GLY B 17 -24.86 -38.85 33.25
C GLY B 17 -24.18 -37.88 32.30
N LEU B 18 -22.85 -37.82 32.38
CA LEU B 18 -22.06 -36.90 31.57
C LEU B 18 -22.49 -36.98 30.10
N ALA B 19 -22.65 -38.19 29.59
CA ALA B 19 -23.14 -38.38 28.22
C ALA B 19 -24.42 -37.59 27.90
N LYS B 20 -25.36 -37.53 28.85
CA LYS B 20 -26.55 -36.67 28.70
C LYS B 20 -26.14 -35.21 28.49
N CYS B 21 -25.35 -34.68 29.45
CA CYS B 21 -24.76 -33.34 29.40
C CYS B 21 -24.12 -33.04 28.05
N GLU B 22 -23.42 -34.03 27.53
CA GLU B 22 -22.67 -33.88 26.30
C GLU B 22 -23.62 -33.60 25.14
N GLU B 23 -24.67 -34.40 25.00
CA GLU B 23 -25.68 -34.15 23.97
C GLU B 23 -26.46 -32.85 24.23
N GLU B 24 -26.51 -32.44 25.49
CA GLU B 24 -27.23 -31.22 25.86
C GLU B 24 -26.48 -29.95 25.47
N VAL B 25 -25.23 -29.80 25.91
CA VAL B 25 -24.55 -28.50 25.74
C VAL B 25 -24.55 -28.06 24.25
N ASP B 26 -24.62 -29.03 23.34
CA ASP B 26 -24.82 -28.69 21.94
C ASP B 26 -26.08 -27.79 21.76
N ALA B 27 -27.20 -28.23 22.34
CA ALA B 27 -28.47 -27.48 22.31
C ALA B 27 -28.52 -26.34 23.32
N ILE B 28 -27.59 -26.32 24.26
CA ILE B 28 -27.53 -25.24 25.22
C ILE B 28 -26.94 -24.01 24.55
N GLU B 29 -25.97 -24.23 23.66
CA GLU B 29 -25.29 -23.12 23.01
C GLU B 29 -26.20 -22.47 22.00
N ARG B 30 -27.00 -23.30 21.33
CA ARG B 30 -27.99 -22.79 20.43
C ARG B 30 -28.90 -21.85 21.19
N GLU B 31 -28.96 -22.02 22.50
CA GLU B 31 -29.82 -21.15 23.29
C GLU B 31 -29.12 -19.82 23.61
N VAL B 32 -27.92 -19.87 24.17
CA VAL B 32 -27.21 -18.62 24.50
C VAL B 32 -27.03 -17.77 23.25
N GLU B 33 -26.96 -18.43 22.11
CA GLU B 33 -26.86 -17.72 20.86
C GLU B 33 -28.18 -17.11 20.42
N LEU B 34 -29.28 -17.84 20.64
CA LEU B 34 -30.58 -17.33 20.20
C LEU B 34 -31.00 -16.12 21.03
N TYR B 35 -30.49 -16.09 22.24
CA TYR B 35 -30.68 -14.98 23.15
C TYR B 35 -30.08 -13.68 22.63
N ARG B 36 -28.80 -13.73 22.30
CA ARG B 36 -28.10 -12.55 21.79
C ARG B 36 -28.72 -12.10 20.47
N LEU B 37 -29.07 -13.04 19.62
CA LEU B 37 -29.75 -12.72 18.36
C LEU B 37 -31.06 -11.95 18.59
N ASN B 38 -31.74 -12.27 19.69
CA ASN B 38 -32.98 -11.61 20.05
C ASN B 38 -32.76 -10.26 20.67
N LYS B 39 -31.84 -10.20 21.63
CA LYS B 39 -31.47 -8.96 22.26
C LYS B 39 -31.07 -7.92 21.21
N MET B 40 -30.30 -8.35 20.22
CA MET B 40 -29.76 -7.44 19.22
C MET B 40 -30.83 -6.94 18.27
N LYS B 41 -31.77 -7.81 17.91
CA LYS B 41 -32.76 -7.47 16.89
C LYS B 41 -33.36 -6.06 16.99
N PRO B 42 -33.93 -5.70 18.17
CA PRO B 42 -34.59 -4.41 18.30
C PRO B 42 -33.57 -3.26 18.43
N VAL B 43 -32.39 -3.53 18.97
CA VAL B 43 -31.36 -2.51 19.06
C VAL B 43 -30.94 -2.02 17.68
N TYR B 44 -30.64 -2.95 16.79
CA TYR B 44 -30.34 -2.60 15.42
C TYR B 44 -31.52 -1.86 14.84
N GLU B 45 -32.71 -2.26 15.28
CA GLU B 45 -33.93 -1.64 14.79
C GLU B 45 -33.88 -0.12 15.05
N LYS B 46 -33.65 0.27 16.31
CA LYS B 46 -33.55 1.68 16.71
C LYS B 46 -32.51 2.42 15.87
N ARG B 47 -31.24 2.10 16.12
CA ARG B 47 -30.11 2.53 15.29
C ARG B 47 -30.40 2.71 13.78
N ASP B 48 -30.75 1.63 13.10
CA ASP B 48 -31.05 1.70 11.67
C ASP B 48 -31.98 2.86 11.41
N ALA B 49 -33.00 2.99 12.26
CA ALA B 49 -33.93 4.12 12.20
C ALA B 49 -33.20 5.46 12.07
N TYR B 50 -32.26 5.72 12.98
CA TYR B 50 -31.46 6.94 12.95
C TYR B 50 -30.68 7.04 11.67
N ILE B 51 -29.83 6.04 11.46
CA ILE B 51 -29.05 5.93 10.25
C ILE B 51 -29.88 6.38 9.06
N ASP B 52 -31.12 5.91 9.04
CA ASP B 52 -32.02 6.07 7.89
C ASP B 52 -32.34 7.52 7.62
N GLU B 53 -32.02 8.37 8.61
CA GLU B 53 -32.25 9.80 8.48
C GLU B 53 -30.94 10.49 8.13
N ILE B 54 -29.84 9.76 8.22
CA ILE B 54 -28.57 10.32 7.77
C ILE B 54 -28.28 10.10 6.30
N ALA B 55 -27.87 11.17 5.66
CA ALA B 55 -27.56 11.16 4.24
C ALA B 55 -26.17 10.60 4.06
N GLU B 56 -26.04 9.72 3.07
CA GLU B 56 -24.73 9.24 2.71
C GLU B 56 -24.06 8.63 3.92
N PHE B 57 -24.86 8.05 4.80
CA PHE B 57 -24.28 7.33 5.91
C PHE B 57 -23.61 6.07 5.39
N TRP B 58 -24.30 5.32 4.52
CA TRP B 58 -23.70 4.08 4.01
C TRP B 58 -22.64 4.38 2.99
N LYS B 59 -22.89 5.33 2.10
CA LYS B 59 -21.89 5.72 1.11
C LYS B 59 -20.55 5.97 1.79
N ILE B 60 -20.63 6.65 2.93
CA ILE B 60 -19.47 7.03 3.72
C ILE B 60 -18.80 5.86 4.41
N VAL B 61 -19.61 4.95 4.94
CA VAL B 61 -19.05 3.86 5.72
C VAL B 61 -18.27 2.92 4.83
N LEU B 62 -18.83 2.60 3.66
CA LEU B 62 -18.22 1.62 2.75
C LEU B 62 -16.89 2.10 2.14
N SER B 63 -16.81 3.40 1.85
CA SER B 63 -15.57 4.01 1.37
C SER B 63 -14.53 4.26 2.45
N GLN B 64 -14.91 4.23 3.73
CA GLN B 64 -13.96 4.39 4.82
C GLN B 64 -13.43 3.05 5.31
N HIS B 65 -14.26 2.04 5.23
CA HIS B 65 -13.84 0.73 5.70
C HIS B 65 -12.73 0.23 4.80
N VAL B 66 -11.54 0.17 5.36
CA VAL B 66 -10.36 -0.09 4.55
C VAL B 66 -10.40 -1.47 3.92
N SER B 67 -10.57 -2.51 4.73
CA SER B 67 -10.54 -3.88 4.22
C SER B 67 -11.49 -4.09 3.04
N PHE B 68 -12.70 -3.59 3.16
CA PHE B 68 -13.73 -3.75 2.13
C PHE B 68 -13.22 -3.64 0.69
N ALA B 69 -12.49 -2.58 0.37
CA ALA B 69 -12.17 -2.27 -1.03
C ALA B 69 -11.18 -3.22 -1.68
N ASN B 70 -10.78 -4.22 -0.93
CA ASN B 70 -9.83 -5.22 -1.42
C ASN B 70 -10.52 -6.23 -2.31
N TYR B 71 -11.77 -6.51 -1.94
CA TYR B 71 -12.60 -7.55 -2.54
C TYR B 71 -13.24 -7.21 -3.90
N ILE B 72 -13.29 -5.94 -4.26
CA ILE B 72 -14.08 -5.53 -5.42
C ILE B 72 -13.37 -4.54 -6.32
N ARG B 73 -13.70 -4.57 -7.60
CA ARG B 73 -13.13 -3.66 -8.59
C ARG B 73 -13.23 -2.22 -8.10
N ALA B 74 -12.29 -1.38 -8.53
CA ALA B 74 -12.35 0.03 -8.16
C ALA B 74 -13.56 0.73 -8.78
N SER B 75 -13.88 0.37 -10.03
CA SER B 75 -15.03 0.95 -10.76
C SER B 75 -16.38 0.78 -10.06
N ASP B 76 -16.48 -0.24 -9.22
CA ASP B 76 -17.68 -0.56 -8.48
C ASP B 76 -18.10 0.51 -7.51
N PHE B 77 -17.26 1.51 -7.29
CA PHE B 77 -17.51 2.48 -6.24
C PHE B 77 -18.46 3.58 -6.69
N LYS B 78 -18.50 3.81 -8.00
CA LYS B 78 -19.48 4.71 -8.60
C LYS B 78 -20.89 4.22 -8.27
N TYR B 79 -21.07 2.91 -8.30
CA TYR B 79 -22.36 2.30 -7.98
C TYR B 79 -22.46 2.09 -6.48
N ILE B 80 -21.36 1.71 -5.85
CA ILE B 80 -21.38 1.48 -4.43
C ILE B 80 -21.87 2.72 -3.70
N ASP B 81 -21.45 3.89 -4.17
CA ASP B 81 -21.83 5.18 -3.56
C ASP B 81 -23.34 5.34 -3.42
N THR B 82 -24.10 4.61 -4.22
CA THR B 82 -25.54 4.77 -4.27
C THR B 82 -26.30 4.04 -3.15
N ILE B 83 -25.58 3.47 -2.19
CA ILE B 83 -26.19 2.52 -1.26
C ILE B 83 -26.93 3.09 -0.06
N ASP B 84 -28.21 3.44 -0.29
CA ASP B 84 -29.09 4.00 0.72
C ASP B 84 -29.14 3.20 1.99
N LYS B 85 -29.28 1.89 1.88
CA LYS B 85 -29.53 1.09 3.07
C LYS B 85 -29.09 -0.37 3.00
N ILE B 86 -28.57 -0.83 4.14
CA ILE B 86 -28.07 -2.17 4.33
C ILE B 86 -28.63 -2.72 5.64
N LYS B 87 -29.32 -3.84 5.54
CA LYS B 87 -29.98 -4.46 6.69
C LYS B 87 -29.51 -5.91 6.81
N VAL B 88 -29.18 -6.31 8.03
CA VAL B 88 -28.77 -7.70 8.26
C VAL B 88 -29.84 -8.38 9.09
N GLU B 89 -30.28 -9.56 8.65
CA GLU B 89 -31.31 -10.30 9.35
C GLU B 89 -30.84 -11.72 9.65
N TRP B 90 -30.87 -12.11 10.92
CA TRP B 90 -30.48 -13.48 11.26
C TRP B 90 -31.67 -14.45 11.22
N LEU B 91 -31.54 -15.51 10.41
CA LEU B 91 -32.65 -16.40 10.12
C LEU B 91 -33.08 -17.29 11.30
N ALA B 92 -32.16 -17.55 12.22
CA ALA B 92 -32.47 -18.41 13.36
C ALA B 92 -33.61 -17.87 14.22
N LEU B 93 -34.08 -16.65 13.94
CA LEU B 93 -35.21 -16.13 14.67
C LEU B 93 -36.53 -16.58 14.03
N GLU B 94 -36.55 -16.69 12.71
CA GLU B 94 -37.75 -17.14 11.98
C GLU B 94 -37.74 -18.65 11.66
N SER B 95 -37.79 -19.47 12.72
CA SER B 95 -37.77 -20.95 12.63
C SER B 95 -36.45 -21.62 13.06
N GLU B 96 -36.59 -22.50 14.05
CA GLU B 96 -35.51 -23.39 14.50
C GLU B 96 -34.97 -24.29 13.36
N MET B 97 -35.39 -24.01 12.13
CA MET B 97 -34.89 -24.74 10.97
C MET B 97 -33.57 -24.17 10.44
N TYR B 98 -33.00 -23.20 11.16
CA TYR B 98 -31.93 -22.37 10.62
C TYR B 98 -30.70 -22.32 11.53
N ASP B 99 -29.51 -22.39 10.94
CA ASP B 99 -28.25 -22.32 11.71
C ASP B 99 -28.09 -20.96 12.36
N THR B 100 -27.82 -20.98 13.66
CA THR B 100 -27.64 -19.76 14.44
C THR B 100 -26.81 -18.75 13.62
N ARG B 101 -25.90 -19.28 12.80
CA ARG B 101 -24.99 -18.47 11.97
C ARG B 101 -25.55 -18.08 10.59
N ASP B 102 -26.79 -18.45 10.32
CA ASP B 102 -27.45 -18.11 9.05
C ASP B 102 -28.08 -16.73 9.14
N PHE B 103 -28.12 -16.05 8.01
CA PHE B 103 -28.54 -14.66 7.97
C PHE B 103 -28.71 -14.18 6.55
N SER B 104 -29.41 -13.06 6.38
CA SER B 104 -29.56 -12.44 5.07
C SER B 104 -29.12 -10.96 5.09
N ILE B 105 -28.73 -10.45 3.94
CA ILE B 105 -28.31 -9.06 3.86
C ILE B 105 -29.04 -8.32 2.76
N THR B 106 -29.78 -7.30 3.17
CA THR B 106 -30.53 -6.50 2.23
C THR B 106 -29.83 -5.16 1.91
N PHE B 107 -29.77 -4.84 0.63
CA PHE B 107 -29.15 -3.61 0.18
C PHE B 107 -30.15 -2.73 -0.53
N HIS B 108 -29.93 -1.43 -0.49
CA HIS B 108 -30.71 -0.57 -1.35
C HIS B 108 -29.85 0.33 -2.19
N PHE B 109 -29.95 0.17 -3.52
CA PHE B 109 -29.32 1.12 -4.43
C PHE B 109 -30.34 2.04 -5.04
N HIS B 110 -29.98 3.30 -5.11
CA HIS B 110 -30.85 4.31 -5.67
C HIS B 110 -30.41 4.68 -7.09
N GLY B 111 -29.69 3.77 -7.74
CA GLY B 111 -29.36 3.90 -9.16
C GLY B 111 -28.84 5.23 -9.68
N ILE B 112 -28.74 5.33 -11.01
CA ILE B 112 -28.24 6.52 -11.67
C ILE B 112 -28.82 6.63 -13.07
N GLU B 113 -28.91 7.86 -13.58
CA GLU B 113 -29.47 8.13 -14.90
C GLU B 113 -28.78 7.37 -16.04
N GLY B 114 -29.58 6.70 -16.85
CA GLY B 114 -29.08 6.06 -18.06
C GLY B 114 -27.82 5.24 -17.84
N ASP B 115 -27.72 4.55 -16.69
CA ASP B 115 -26.65 3.58 -16.47
C ASP B 115 -27.00 2.50 -15.41
N PHE B 116 -27.51 2.92 -14.25
CA PHE B 116 -27.80 1.97 -13.18
C PHE B 116 -29.23 2.15 -12.70
N LYS B 117 -30.05 1.11 -12.81
CA LYS B 117 -31.41 1.13 -12.26
C LYS B 117 -31.39 1.30 -10.75
N GLU B 118 -32.54 1.64 -10.18
CA GLU B 118 -32.71 1.69 -8.74
C GLU B 118 -33.25 0.33 -8.32
N GLN B 119 -32.67 -0.25 -7.27
CA GLN B 119 -33.10 -1.58 -6.83
C GLN B 119 -32.91 -1.85 -5.35
N GLN B 120 -33.31 -3.05 -4.93
CA GLN B 120 -33.07 -3.52 -3.58
C GLN B 120 -32.84 -5.02 -3.59
N VAL B 121 -31.67 -5.46 -3.17
CA VAL B 121 -31.36 -6.88 -3.21
C VAL B 121 -31.20 -7.51 -1.82
N THR B 122 -31.65 -8.76 -1.68
CA THR B 122 -31.38 -9.57 -0.49
C THR B 122 -30.78 -10.90 -0.90
N LYS B 123 -29.50 -11.09 -0.60
CA LYS B 123 -28.84 -12.38 -0.80
C LYS B 123 -28.93 -13.11 0.54
N VAL B 124 -29.04 -14.44 0.47
CA VAL B 124 -29.19 -15.26 1.67
C VAL B 124 -28.05 -16.26 1.87
N PHE B 125 -27.53 -16.24 3.09
CA PHE B 125 -26.39 -17.06 3.45
C PHE B 125 -26.73 -17.99 4.59
N GLN B 126 -26.51 -19.27 4.34
CA GLN B 126 -26.71 -20.29 5.34
C GLN B 126 -25.68 -21.38 5.12
N ILE B 127 -25.46 -22.15 6.18
CA ILE B 127 -24.42 -23.14 6.22
C ILE B 127 -24.91 -24.50 5.69
N LYS B 128 -23.98 -25.28 5.13
CA LYS B 128 -24.32 -26.57 4.54
C LYS B 128 -23.41 -27.73 5.00
N LYS B 129 -24.06 -28.86 5.30
CA LYS B 129 -23.46 -30.03 5.98
C LYS B 129 -22.34 -30.80 5.23
N GLY B 130 -21.46 -31.45 6.00
CA GLY B 130 -20.36 -32.22 5.41
C GLY B 130 -19.25 -32.53 6.42
N ASP B 136 -17.52 -29.75 9.28
CA ASP B 136 -17.97 -28.74 10.26
C ASP B 136 -18.96 -27.72 9.68
N GLY B 137 -19.30 -27.91 8.39
CA GLY B 137 -20.26 -27.05 7.72
C GLY B 137 -19.67 -25.79 7.13
N ILE B 138 -19.81 -25.64 5.81
CA ILE B 138 -19.36 -24.45 5.10
C ILE B 138 -20.53 -23.48 4.92
N LEU B 139 -20.23 -22.18 4.78
CA LEU B 139 -21.25 -21.19 4.47
C LEU B 139 -21.52 -21.16 2.97
N THR B 140 -22.79 -21.04 2.58
CA THR B 140 -23.10 -21.02 1.15
C THR B 140 -24.25 -20.10 0.77
N SER B 141 -24.41 -19.88 -0.55
CA SER B 141 -25.38 -18.93 -1.04
C SER B 141 -26.10 -19.42 -2.28
N GLU B 142 -27.34 -18.98 -2.45
CA GLU B 142 -28.10 -19.15 -3.68
C GLU B 142 -28.02 -17.86 -4.48
N PRO B 143 -27.96 -17.95 -5.81
CA PRO B 143 -27.99 -16.77 -6.67
C PRO B 143 -29.29 -15.98 -6.63
N VAL B 144 -29.14 -14.69 -6.82
CA VAL B 144 -30.22 -13.75 -6.66
C VAL B 144 -30.07 -12.69 -7.74
N PRO B 145 -31.20 -12.19 -8.25
CA PRO B 145 -31.14 -11.31 -9.43
C PRO B 145 -30.74 -9.91 -9.04
N ILE B 146 -30.18 -9.18 -10.00
CA ILE B 146 -29.84 -7.76 -9.85
C ILE B 146 -29.47 -7.16 -11.19
N GLU B 147 -29.82 -5.89 -11.41
CA GLU B 147 -29.57 -5.18 -12.67
C GLU B 147 -28.19 -4.50 -12.74
N TRP B 148 -27.22 -5.25 -13.26
CA TRP B 148 -25.87 -4.75 -13.50
C TRP B 148 -25.93 -3.44 -14.29
N PRO B 149 -25.05 -2.49 -13.95
CA PRO B 149 -24.98 -1.21 -14.67
C PRO B 149 -24.83 -1.44 -16.15
N GLN B 150 -25.26 -0.46 -16.94
CA GLN B 150 -25.19 -0.56 -18.38
C GLN B 150 -23.75 -0.37 -18.89
N SER B 151 -22.84 0.01 -18.01
CA SER B 151 -21.45 0.07 -18.43
C SER B 151 -20.89 -1.35 -18.44
N TYR B 152 -21.23 -2.10 -17.39
CA TYR B 152 -20.80 -3.48 -17.25
C TYR B 152 -21.49 -4.38 -18.28
N ASP B 153 -21.77 -3.81 -19.45
CA ASP B 153 -22.35 -4.60 -20.50
C ASP B 153 -21.28 -5.56 -20.99
N SER B 154 -20.09 -5.03 -21.26
CA SER B 154 -18.95 -5.83 -21.69
C SER B 154 -18.76 -7.05 -20.79
N ILE B 155 -18.67 -6.84 -19.48
CA ILE B 155 -18.44 -7.97 -18.60
C ILE B 155 -19.70 -8.51 -17.93
N ASN B 156 -20.84 -8.40 -18.60
CA ASN B 156 -22.03 -9.03 -18.03
C ASN B 156 -22.14 -10.51 -18.41
N PRO B 157 -22.28 -11.39 -17.41
CA PRO B 157 -22.43 -12.82 -17.67
C PRO B 157 -23.61 -13.11 -18.60
N ASP B 158 -24.76 -12.48 -18.32
CA ASP B 158 -25.94 -12.68 -19.14
C ASP B 158 -25.94 -11.79 -20.37
N LEU B 159 -24.73 -11.55 -20.88
CA LEU B 159 -24.55 -10.79 -22.11
C LEU B 159 -23.42 -11.44 -22.91
N ILE B 160 -22.92 -12.55 -22.37
CA ILE B 160 -21.83 -13.29 -22.96
C ILE B 160 -22.35 -14.60 -23.56
N LYS B 161 -22.16 -14.74 -24.87
CA LYS B 161 -22.69 -15.87 -25.62
C LYS B 161 -22.09 -17.16 -25.12
N ASP B 162 -20.75 -17.19 -25.06
CA ASP B 162 -20.01 -18.36 -24.63
C ASP B 162 -18.92 -18.01 -23.60
N LYS B 163 -19.07 -18.56 -22.39
CA LYS B 163 -18.11 -18.38 -21.29
C LYS B 163 -16.89 -19.31 -21.43
N ARG B 164 -17.01 -20.33 -22.30
CA ARG B 164 -15.93 -21.29 -22.56
C ARG B 164 -15.10 -20.88 -23.77
N SER B 165 -15.61 -19.92 -24.53
CA SER B 165 -14.86 -19.33 -25.64
C SER B 165 -13.70 -18.57 -25.06
N PRO B 166 -12.61 -18.45 -25.82
CA PRO B 166 -11.41 -17.81 -25.25
C PRO B 166 -11.66 -16.35 -24.84
N GLU B 167 -12.40 -15.60 -25.65
CA GLU B 167 -12.74 -14.22 -25.30
C GLU B 167 -13.95 -14.12 -24.37
N GLY B 168 -14.63 -15.24 -24.19
CA GLY B 168 -15.77 -15.31 -23.30
C GLY B 168 -15.39 -15.63 -21.86
N LYS B 169 -14.49 -16.58 -21.67
CA LYS B 169 -13.98 -16.86 -20.34
C LYS B 169 -13.22 -15.60 -19.87
N LYS B 170 -12.53 -14.92 -20.78
CA LYS B 170 -11.86 -13.67 -20.44
C LYS B 170 -12.84 -12.72 -19.76
N LYS B 171 -13.83 -12.26 -20.53
CA LYS B 171 -14.81 -11.27 -20.08
C LYS B 171 -15.66 -11.70 -18.87
N TYR B 172 -15.95 -12.99 -18.79
CA TYR B 172 -16.69 -13.52 -17.65
C TYR B 172 -15.84 -13.36 -16.38
N ARG B 173 -14.63 -13.92 -16.40
CA ARG B 173 -13.71 -13.79 -15.27
C ARG B 173 -13.64 -12.35 -14.78
N GLN B 174 -13.77 -11.42 -15.71
CA GLN B 174 -13.71 -9.99 -15.40
C GLN B 174 -14.88 -9.51 -14.52
N GLY B 175 -16.11 -9.58 -15.06
CA GLY B 175 -17.30 -9.25 -14.30
C GLY B 175 -17.50 -10.05 -13.02
N MET B 176 -16.83 -11.19 -12.90
CA MET B 176 -16.87 -12.00 -11.69
C MET B 176 -16.09 -11.36 -10.56
N LYS B 177 -15.37 -10.30 -10.89
CA LYS B 177 -14.54 -9.62 -9.91
C LYS B 177 -15.17 -8.31 -9.38
N THR B 178 -16.28 -7.90 -9.99
CA THR B 178 -17.07 -6.82 -9.44
C THR B 178 -17.97 -7.34 -8.34
N ILE B 179 -18.65 -6.42 -7.68
CA ILE B 179 -19.51 -6.74 -6.53
C ILE B 179 -20.75 -7.44 -7.02
N PHE B 180 -21.12 -7.19 -8.26
CA PHE B 180 -22.32 -7.79 -8.81
C PHE B 180 -22.06 -9.29 -9.02
N GLY B 181 -20.84 -9.63 -9.40
CA GLY B 181 -20.45 -11.01 -9.52
C GLY B 181 -20.51 -11.69 -8.18
N TRP B 182 -20.64 -10.89 -7.14
CA TRP B 182 -20.77 -11.47 -5.81
C TRP B 182 -22.16 -12.08 -5.62
N PHE B 183 -23.16 -11.50 -6.25
CA PHE B 183 -24.56 -11.90 -6.02
C PHE B 183 -24.89 -13.29 -6.59
N ARG B 184 -23.99 -13.79 -7.44
CA ARG B 184 -24.06 -15.12 -8.01
C ARG B 184 -23.37 -16.14 -7.14
N TRP B 185 -22.38 -15.67 -6.39
CA TRP B 185 -21.56 -16.55 -5.57
C TRP B 185 -22.43 -17.54 -4.78
N THR B 186 -21.92 -18.75 -4.58
CA THR B 186 -22.68 -19.80 -3.89
C THR B 186 -21.80 -20.60 -2.94
N GLY B 187 -20.50 -20.66 -3.28
CA GLY B 187 -19.51 -21.33 -2.46
C GLY B 187 -19.46 -22.81 -2.73
N LEU B 188 -19.90 -23.18 -3.93
CA LEU B 188 -19.95 -24.57 -4.35
C LEU B 188 -19.17 -24.78 -5.63
N LYS B 189 -18.71 -23.71 -6.24
CA LYS B 189 -17.92 -23.87 -7.45
C LYS B 189 -16.52 -23.32 -7.21
N PRO B 190 -15.81 -23.89 -6.22
CA PRO B 190 -14.54 -23.26 -5.86
C PRO B 190 -13.74 -22.91 -7.10
N GLY B 191 -13.20 -21.70 -7.14
CA GLY B 191 -12.38 -21.25 -8.25
C GLY B 191 -13.19 -20.76 -9.45
N LYS B 192 -14.46 -21.10 -9.50
CA LYS B 192 -15.30 -20.73 -10.64
C LYS B 192 -16.09 -19.40 -10.44
N GLU B 193 -16.46 -19.09 -9.20
CA GLU B 193 -17.26 -17.90 -8.96
C GLU B 193 -16.46 -16.72 -8.42
N PHE B 194 -17.19 -15.83 -7.75
CA PHE B 194 -16.61 -14.69 -7.07
C PHE B 194 -15.63 -15.14 -5.98
N PRO B 195 -14.50 -14.42 -5.92
CA PRO B 195 -13.40 -14.75 -5.01
C PRO B 195 -13.63 -14.30 -3.57
N HIS B 196 -13.76 -15.27 -2.68
CA HIS B 196 -13.86 -15.04 -1.25
C HIS B 196 -15.23 -14.58 -0.85
N GLY B 197 -16.18 -14.73 -1.75
CA GLY B 197 -17.55 -14.32 -1.51
C GLY B 197 -18.17 -14.64 -0.15
N ASP B 198 -17.67 -15.68 0.51
CA ASP B 198 -18.14 -16.07 1.84
C ASP B 198 -17.53 -15.20 2.91
N SER B 199 -16.28 -14.79 2.69
CA SER B 199 -15.58 -13.93 3.63
C SER B 199 -16.22 -12.57 3.63
N LEU B 200 -16.47 -12.07 2.44
CA LEU B 200 -17.15 -10.80 2.21
C LEU B 200 -18.47 -10.76 2.92
N ALA B 201 -19.32 -11.73 2.61
CA ALA B 201 -20.59 -11.86 3.28
C ALA B 201 -20.39 -11.84 4.78
N SER B 202 -19.38 -12.56 5.26
CA SER B 202 -19.08 -12.57 6.70
C SER B 202 -18.55 -11.23 7.19
N LEU B 203 -17.95 -10.46 6.29
CA LEU B 203 -17.46 -9.16 6.64
C LEU B 203 -18.65 -8.34 7.02
N PHE B 204 -19.61 -8.27 6.10
CA PHE B 204 -20.81 -7.52 6.30
C PHE B 204 -21.50 -7.93 7.58
N SER B 205 -21.65 -9.23 7.75
CA SER B 205 -22.51 -9.73 8.82
C SER B 205 -21.87 -9.60 10.20
N GLU B 206 -20.54 -9.49 10.24
CA GLU B 206 -19.88 -9.48 11.54
C GLU B 206 -19.05 -8.22 11.83
N GLU B 207 -18.87 -7.35 10.85
CA GLU B 207 -18.05 -6.16 11.06
C GLU B 207 -18.66 -4.89 10.47
N ILE B 208 -18.88 -4.91 9.16
CA ILE B 208 -19.44 -3.72 8.52
C ILE B 208 -20.80 -3.33 9.11
N TYR B 209 -21.78 -4.23 9.11
CA TYR B 209 -23.09 -3.88 9.66
C TYR B 209 -23.06 -3.66 11.18
N PRO B 210 -22.43 -4.58 11.91
CA PRO B 210 -22.39 -4.39 13.37
C PRO B 210 -21.58 -3.20 13.88
N PHE B 211 -20.81 -2.52 13.04
CA PHE B 211 -20.01 -1.38 13.50
C PHE B 211 -20.10 -0.17 12.59
N CYS B 212 -20.95 -0.30 11.59
CA CYS B 212 -21.15 0.75 10.60
C CYS B 212 -21.06 2.15 11.18
N VAL B 213 -21.36 2.26 12.47
CA VAL B 213 -21.34 3.57 13.13
C VAL B 213 -19.92 3.98 13.45
N LYS B 214 -19.22 3.13 14.19
CA LYS B 214 -17.80 3.34 14.46
C LYS B 214 -17.04 3.87 13.24
N TYR B 215 -17.39 3.41 12.05
CA TYR B 215 -16.66 3.87 10.88
C TYR B 215 -17.11 5.22 10.41
N TYR B 216 -18.40 5.47 10.49
CA TYR B 216 -18.88 6.77 10.07
C TYR B 216 -18.24 7.84 10.97
N ALA B 217 -18.17 7.58 12.28
CA ALA B 217 -17.50 8.52 13.18
C ALA B 217 -16.07 8.83 12.72
N GLU B 218 -15.26 7.81 12.44
CA GLU B 218 -13.90 8.03 11.99
C GLU B 218 -13.79 8.82 10.69
N ALA B 219 -14.61 8.51 9.71
CA ALA B 219 -14.56 9.26 8.46
C ALA B 219 -14.84 10.74 8.75
N GLN B 220 -15.54 11.01 9.86
CA GLN B 220 -15.83 12.36 10.31
C GLN B 220 -14.68 13.03 11.07
N ARG B 221 -13.43 12.73 10.70
CA ARG B 221 -12.28 13.39 11.33
C ARG B 221 -11.94 14.74 10.70
N ASP B 222 -11.94 15.77 11.55
CA ASP B 222 -11.44 17.12 11.25
C ASP B 222 -9.94 17.10 10.84
N LEU B 223 -9.66 17.68 9.66
CA LEU B 223 -8.32 17.63 9.00
C LEU B 223 -8.19 16.45 8.00
N GLU B 224 -7.98 16.75 6.72
CA GLU B 224 -7.88 15.75 5.65
C GLU B 224 -7.35 14.42 6.19
N ASP B 225 -6.21 14.48 6.90
CA ASP B 225 -5.52 13.29 7.42
C ASP B 225 -6.06 12.69 8.73
N GLU B 226 -6.82 11.60 8.51
CA GLU B 226 -7.38 10.70 9.53
C GLU B 226 -6.26 9.86 10.19
N1A ACO C . 15.62 -14.32 -18.92
C2A ACO C . 16.97 -14.16 -18.93
N3A ACO C . 17.53 -12.95 -19.02
C4A ACO C . 16.77 -11.84 -19.11
C5A ACO C . 15.30 -11.94 -19.11
C6A ACO C . 14.74 -13.29 -19.01
N6A ACO C . 13.42 -13.50 -18.99
N7A ACO C . 14.86 -10.69 -19.21
C8A ACO C . 15.96 -9.85 -19.28
N9A ACO C . 17.08 -10.58 -19.22
C1B ACO C . 18.52 -10.22 -19.21
C2B ACO C . 18.96 -8.93 -19.91
O2B ACO C . 19.52 -9.19 -21.20
C3B ACO C . 20.12 -8.55 -19.08
O3B ACO C . 21.25 -9.35 -19.43
P3B ACO C . 22.52 -8.65 -20.11
O7A ACO C . 21.98 -7.83 -21.28
O8A ACO C . 23.11 -7.80 -19.01
O9A ACO C . 23.29 -9.91 -20.46
C4B ACO C . 19.67 -8.92 -17.68
O4B ACO C . 18.82 -10.04 -17.82
C5B ACO C . 19.04 -7.75 -16.97
O5B ACO C . 18.07 -7.11 -17.79
P1A ACO C . 17.00 -6.22 -17.06
O1A ACO C . 17.63 -4.85 -16.84
O2A ACO C . 15.67 -6.37 -17.79
O3A ACO C . 16.92 -7.16 -15.77
P2A ACO C . 15.63 -7.94 -15.28
O4A ACO C . 16.06 -9.34 -14.96
O5A ACO C . 14.54 -7.69 -16.25
O6A ACO C . 15.19 -7.35 -13.88
CBP ACO C . 15.28 -7.22 -11.45
CCP ACO C . 16.07 -7.29 -12.76
CDP ACO C . 14.48 -5.92 -11.42
CEP ACO C . 16.21 -7.28 -10.25
CAP ACO C . 14.39 -8.46 -11.49
OAP ACO C . 15.32 -9.44 -11.96
C9P ACO C . 13.66 -8.91 -10.21
O9P ACO C . 12.43 -8.84 -10.19
N8P ACO C . 14.31 -9.39 -9.13
C7P ACO C . 13.52 -9.79 -7.99
C6P ACO C . 13.09 -8.63 -7.10
C5P ACO C . 14.33 -8.20 -6.33
O5P ACO C . 15.17 -9.04 -6.04
N4P ACO C . 14.44 -6.90 -6.02
C3P ACO C . 15.56 -6.35 -5.30
C2P ACO C . 15.19 -4.91 -5.06
S1P ACO C . 16.37 -4.19 -3.99
C ACO C . 16.85 -2.59 -4.08
O ACO C . 16.30 -1.77 -4.79
CH3 ACO C . 18.02 -2.28 -3.23
C1 EDO D . 15.79 -4.32 -0.91
O1 EDO D . 17.17 -4.67 -1.06
C2 EDO D . 15.35 -4.52 0.54
O2 EDO D . 16.53 -4.97 1.23
#